data_6T2G
#
_entry.id   6T2G
#
loop_
_entity.id
_entity.type
_entity.pdbx_description
1 polymer 'KRAS32R G25T'
2 non-polymer 'POTASSIUM ION'
#
_entity_poly.entity_id   1
_entity_poly.type   'polydeoxyribonucleotide'
_entity_poly.pdbx_seq_one_letter_code
;(DA)(DG)(DG)(DG)(DC)(DG)(DG)(DT)(DG)(DT)(DG)(DG)(DG)(DA)(DA)(DG)(DA)(DG)(DG)(DG)
(DA)(DA)(DG)(DA)(DT)(DG)(DG)(DG)(DG)(DA)(DG)(DG)
;
_entity_poly.pdbx_strand_id   A
#